data_7UMB
#
_entry.id   7UMB
#
_cell.length_a   139.500
_cell.length_b   139.500
_cell.length_c   220.000
_cell.angle_alpha   90.000
_cell.angle_beta   90.000
_cell.angle_gamma   120.000
#
_symmetry.space_group_name_H-M   'P 61 2 2'
#
loop_
_entity.id
_entity.type
_entity.pdbx_description
1 polymer 'Kinase suppressor of Ras 2'
2 polymer 'Dual specificity mitogen-activated protein kinase kinase 1'
3 non-polymer 'PHOSPHOAMINOPHOSPHONIC ACID-ADENYLATE ESTER'
4 non-polymer "{3-[(1M,2M)-2-{[(1S,2P)-1H,1'H-[2,2'-bipyrrol]-5-yl-kappaN~1~]methylidene}-2H-pyrrol-5-yl-kappaN]-N-(2-{2-[3-({(3M)-3-[(4aM)-3-cyclopropyl-5-(2-fluoro-4-iodoanilino)-6,8-dimethyl-2,4,7-trioxo-3,4,6,7-tetrahydropyrido[4,3-d]pyrimidin-1(2H)-yl]phenyl}amino)-3-oxopropoxy]ethoxy}ethyl)propanamidato}(difluorido)boron"
#
loop_
_entity_poly.entity_id
_entity_poly.type
_entity_poly.pdbx_seq_one_letter_code
_entity_poly.pdbx_strand_id
1 'polypeptide(L)'
;MSYYHHHHHHDYDIPTTENLYFQGAEMNLSLLSARSFPRKASQTSIFLQEWDIPFEQLEIGELIGKGRFGQVYHGRWHGE
VAIRLIDIERDNEDQLKAFKREVMAYRQTRHENVVLFMGACMSPPHLAIITSLCKGRTLYSVVRDAKIVLDVNKTRQIAQ
EIVKGMGYLHAKGILHKDLKSKNVFYDNGKVVITDFGLFSISGVLQAGRREDKLRIQNGWLCHLAPEIIRQLSPDTEEDK
LPFSKHSDVFALGTIWYELHAREWPFKTQPAEAIIWQMGTGMKPNLSQIGMGKEISDILLFCWAFEQEERPTFTKLMDML
EKLPKRNRRLSHPGHFWKSAEL
;
B
2 'polypeptide(L)'
;MSYYHHHHHHDYDIPTTENLYFQGAKKLEELELDEQQRKRLEAFLTQKQKVGELKDDDFEKISELGAGNGGVVFKVSHKP
SGLVMARKLIHLEIKPAIRNQIIRELQVLHECNSPYIVGFYGAFYSDGEISICMEHMDGGSLDQVLKKAGRIPEQILGKV
SIAVIKGLTYLREKHKIMHRDVKPSNILVNSRGEIKLCDFGVSGQLIDSMANSFVGTRSYMSPERLQGTHYSVQSDIWSM
GLSLVEMAVGRYPIPPPDAKELELMFGCQVEGDAAETPPRPRTPGRPLSSYGMDSRPPMAIFELLDYIVNEPPPKLPSAV
FSLEFQDFVNKCLIKNPAERADLKQLMVHAFIKRSDAEEVDFAGWLCSTIGLNQPSTPTHAAGV
;
C
#
# COMPACT_ATOMS: atom_id res chain seq x y z
N THR A 44 -1.35 5.11 38.39
CA THR A 44 -0.18 5.14 37.52
C THR A 44 0.24 3.69 37.15
N SER A 45 -0.37 2.70 37.83
CA SER A 45 -0.10 1.29 37.57
C SER A 45 -1.38 0.47 37.73
N ILE A 46 -1.36 -0.74 37.15
CA ILE A 46 -2.43 -1.75 37.24
C ILE A 46 -1.79 -3.07 37.66
N PHE A 47 -2.24 -3.62 38.80
CA PHE A 47 -1.73 -4.91 39.25
C PHE A 47 -2.71 -6.02 38.85
N LEU A 48 -2.17 -7.25 38.69
CA LEU A 48 -2.94 -8.40 38.20
C LEU A 48 -3.86 -9.00 39.26
N GLN A 49 -3.59 -8.72 40.55
CA GLN A 49 -4.47 -9.09 41.66
C GLN A 49 -5.74 -8.25 41.71
N GLU A 50 -5.80 -7.18 40.92
CA GLU A 50 -6.99 -6.33 40.76
C GLU A 50 -8.09 -7.00 39.94
N TRP A 51 -7.87 -8.23 39.51
CA TRP A 51 -8.83 -8.93 38.67
C TRP A 51 -9.56 -9.99 39.46
N ASP A 52 -10.73 -10.36 38.95
CA ASP A 52 -11.50 -11.42 39.57
C ASP A 52 -11.09 -12.80 39.11
N ILE A 53 -10.17 -12.92 38.17
CA ILE A 53 -9.61 -14.22 37.81
C ILE A 53 -8.48 -14.48 38.78
N PRO A 54 -8.50 -15.57 39.54
CA PRO A 54 -7.45 -15.82 40.53
C PRO A 54 -6.12 -16.10 39.84
N PHE A 55 -5.10 -15.29 40.14
CA PHE A 55 -3.81 -15.37 39.44
C PHE A 55 -2.67 -15.67 40.42
N GLU A 56 -2.13 -16.89 40.37
CA GLU A 56 -0.93 -17.22 41.13
C GLU A 56 0.32 -16.99 40.29
N GLN A 57 0.40 -17.68 39.16
CA GLN A 57 1.58 -17.71 38.33
C GLN A 57 1.16 -17.62 36.88
N LEU A 58 1.99 -16.93 36.11
CA LEU A 58 1.82 -16.80 34.67
C LEU A 58 3.10 -17.23 33.98
N GLU A 59 3.01 -18.23 33.09
CA GLU A 59 4.10 -18.68 32.24
C GLU A 59 3.91 -18.19 30.81
N ILE A 60 5.02 -17.85 30.13
CA ILE A 60 5.01 -17.41 28.73
C ILE A 60 5.73 -18.44 27.85
N GLY A 61 5.04 -18.95 26.82
CA GLY A 61 5.61 -19.93 25.90
C GLY A 61 6.17 -19.40 24.60
N GLU A 62 5.85 -20.07 23.49
CA GLU A 62 6.35 -19.60 22.21
C GLU A 62 5.51 -18.45 21.66
N LEU A 63 6.01 -17.83 20.60
CA LEU A 63 5.28 -16.77 19.93
C LEU A 63 4.22 -17.41 19.01
N ILE A 64 2.98 -16.93 19.09
CA ILE A 64 1.89 -17.62 18.39
C ILE A 64 1.90 -17.19 16.93
N GLY A 65 2.28 -15.96 16.70
CA GLY A 65 2.17 -15.41 15.39
C GLY A 65 2.73 -14.00 15.37
N LYS A 66 3.12 -13.58 14.18
CA LYS A 66 3.46 -12.19 13.94
C LYS A 66 2.22 -11.34 13.86
N GLY A 67 2.36 -10.09 14.32
CA GLY A 67 1.28 -9.13 14.32
C GLY A 67 1.85 -7.74 14.40
N ARG A 68 1.05 -6.78 13.95
CA ARG A 68 1.50 -5.40 13.92
C ARG A 68 1.54 -4.77 15.32
N PHE A 69 0.76 -5.29 16.26
CA PHE A 69 0.54 -4.62 17.56
C PHE A 69 1.10 -5.47 18.73
N GLY A 70 2.28 -5.11 19.25
CA GLY A 70 2.91 -5.98 20.25
C GLY A 70 3.14 -7.41 19.75
N GLN A 71 3.48 -8.29 20.68
CA GLN A 71 3.59 -9.70 20.33
C GLN A 71 2.58 -10.55 21.10
N VAL A 72 2.24 -11.70 20.52
CA VAL A 72 1.23 -12.60 21.09
C VAL A 72 1.91 -13.92 21.37
N TYR A 73 2.03 -14.26 22.66
CA TYR A 73 2.64 -15.52 23.06
C TYR A 73 1.60 -16.50 23.56
N HIS A 74 1.93 -17.78 23.47
CA HIS A 74 1.28 -18.80 24.30
C HIS A 74 1.59 -18.56 25.78
N GLY A 75 0.66 -18.96 26.65
CA GLY A 75 0.85 -18.77 28.06
C GLY A 75 0.19 -19.88 28.85
N ARG A 76 0.45 -19.87 30.17
CA ARG A 76 -0.22 -20.79 31.08
C ARG A 76 -0.58 -20.04 32.36
N TRP A 77 -1.71 -20.44 32.97
CA TRP A 77 -2.30 -19.77 34.15
C TRP A 77 -2.80 -20.72 35.27
N GLY A 79 -4.93 -24.02 33.35
CA GLY A 79 -5.23 -23.68 31.94
C GLY A 79 -4.37 -22.78 31.00
N GLU A 80 -4.65 -22.82 29.67
CA GLU A 80 -3.87 -22.15 28.62
C GLU A 80 -4.46 -20.83 28.13
N VAL A 81 -3.60 -19.83 27.90
CA VAL A 81 -4.05 -18.45 27.74
C VAL A 81 -3.21 -17.75 26.68
N ALA A 82 -3.64 -16.57 26.22
CA ALA A 82 -2.91 -15.83 25.20
C ALA A 82 -2.47 -14.45 25.70
N ILE A 83 -1.16 -14.26 25.79
CA ILE A 83 -0.53 -13.09 26.39
C ILE A 83 -0.09 -12.19 25.25
N ARG A 84 -0.61 -10.97 25.19
CA ARG A 84 -0.18 -9.94 24.23
C ARG A 84 0.60 -8.89 24.99
N LEU A 85 1.92 -8.89 24.82
CA LEU A 85 2.81 -7.87 25.37
C LEU A 85 2.86 -6.69 24.42
N ILE A 86 2.77 -5.47 24.92
CA ILE A 86 2.86 -4.28 24.08
C ILE A 86 3.79 -3.30 24.79
N ASP A 87 4.45 -2.44 24.01
CA ASP A 87 5.44 -1.53 24.56
C ASP A 87 4.91 -0.10 24.42
N ILE A 88 5.13 0.73 25.45
CA ILE A 88 4.79 2.15 25.42
C ILE A 88 6.05 2.96 25.73
N GLU A 89 5.95 4.29 25.54
CA GLU A 89 7.02 5.20 25.92
C GLU A 89 6.95 5.42 27.43
N ARG A 90 8.13 5.46 28.07
CA ARG A 90 8.22 5.49 29.53
C ARG A 90 7.23 6.46 30.18
N ASP A 91 7.21 7.69 29.71
CA ASP A 91 6.38 8.75 30.28
C ASP A 91 5.53 9.39 29.18
N ASN A 92 4.48 8.69 28.79
CA ASN A 92 3.41 9.26 27.98
C ASN A 92 2.10 9.06 28.76
N GLU A 93 2.00 9.74 29.91
CA GLU A 93 0.86 9.56 30.82
C GLU A 93 -0.50 9.80 30.16
N ASP A 94 -0.55 10.52 29.04
CA ASP A 94 -1.84 10.82 28.43
C ASP A 94 -2.42 9.64 27.65
N GLN A 95 -1.55 8.83 27.03
CA GLN A 95 -2.00 7.61 26.37
C GLN A 95 -2.17 6.45 27.34
N LEU A 96 -1.49 6.46 28.50
CA LEU A 96 -1.63 5.37 29.47
C LEU A 96 -2.92 5.51 30.29
N LYS A 97 -3.28 6.72 30.72
CA LYS A 97 -4.57 6.88 31.38
C LYS A 97 -5.72 6.63 30.41
N ALA A 98 -5.48 6.86 29.11
CA ALA A 98 -6.47 6.51 28.09
C ALA A 98 -6.62 5.01 27.94
N PHE A 99 -5.53 4.26 28.13
CA PHE A 99 -5.57 2.80 28.10
C PHE A 99 -6.28 2.21 29.32
N LYS A 100 -6.03 2.74 30.52
CA LYS A 100 -6.76 2.24 31.70
C LYS A 100 -8.24 2.44 31.52
N ARG A 101 -8.64 3.50 30.81
CA ARG A 101 -10.04 3.74 30.49
C ARG A 101 -10.63 2.58 29.70
N GLU A 102 -9.84 1.99 28.80
CA GLU A 102 -10.32 0.85 28.03
C GLU A 102 -10.54 -0.36 28.93
N VAL A 103 -9.49 -0.80 29.61
CA VAL A 103 -9.49 -2.14 30.19
C VAL A 103 -10.47 -2.26 31.34
N MET A 104 -10.72 -1.17 32.06
CA MET A 104 -11.78 -1.19 33.07
C MET A 104 -13.10 -1.63 32.41
N ALA A 105 -13.36 -1.16 31.18
CA ALA A 105 -14.54 -1.60 30.44
C ALA A 105 -14.53 -3.12 30.23
N TYR A 106 -13.45 -3.65 29.64
CA TYR A 106 -13.37 -5.08 29.33
C TYR A 106 -13.52 -5.95 30.57
N ARG A 107 -13.19 -5.41 31.76
CA ARG A 107 -13.34 -6.19 32.98
C ARG A 107 -14.78 -6.62 33.20
N GLN A 108 -15.73 -5.94 32.57
CA GLN A 108 -17.14 -6.22 32.72
C GLN A 108 -17.71 -7.13 31.65
N THR A 109 -16.92 -7.57 30.67
CA THR A 109 -17.47 -8.31 29.53
C THR A 109 -17.41 -9.79 29.84
N ARG A 110 -18.48 -10.49 29.52
CA ARG A 110 -18.47 -11.94 29.45
C ARG A 110 -19.59 -12.32 28.51
N HIS A 111 -19.25 -13.11 27.50
CA HIS A 111 -20.24 -13.43 26.48
C HIS A 111 -19.60 -14.49 25.60
N GLU A 112 -20.41 -15.47 25.15
CA GLU A 112 -19.81 -16.71 24.62
C GLU A 112 -19.20 -16.55 23.24
N ASN A 113 -19.51 -15.46 22.53
CA ASN A 113 -18.96 -15.11 21.23
C ASN A 113 -17.90 -14.01 21.32
N VAL A 114 -17.51 -13.62 22.53
CA VAL A 114 -16.45 -12.66 22.72
C VAL A 114 -15.33 -13.35 23.50
N VAL A 115 -14.09 -13.19 23.03
CA VAL A 115 -12.96 -13.72 23.75
C VAL A 115 -12.99 -13.23 25.18
N LEU A 116 -12.55 -14.10 26.10
CA LEU A 116 -12.60 -13.82 27.53
C LEU A 116 -11.45 -12.95 27.93
N PHE A 117 -11.73 -11.68 28.23
CA PHE A 117 -10.70 -10.83 28.79
C PHE A 117 -10.39 -11.31 30.20
N MET A 118 -9.14 -11.72 30.46
CA MET A 118 -8.79 -12.28 31.77
C MET A 118 -8.05 -11.31 32.66
N GLY A 119 -7.10 -10.55 32.15
CA GLY A 119 -6.39 -9.64 33.00
C GLY A 119 -5.44 -8.83 32.17
N ALA A 120 -4.78 -7.87 32.85
CA ALA A 120 -4.02 -6.85 32.15
C ALA A 120 -3.15 -6.14 33.17
N CYS A 121 -1.86 -6.44 33.20
CA CYS A 121 -0.97 -5.79 34.16
C CYS A 121 -0.15 -4.71 33.49
N MET A 122 -0.15 -3.51 34.08
CA MET A 122 0.41 -2.30 33.49
C MET A 122 1.46 -1.69 34.42
N SER A 123 2.73 -2.06 34.22
CA SER A 123 3.85 -1.39 34.87
C SER A 123 4.79 -0.84 33.80
N PRO A 124 4.65 0.44 33.39
CA PRO A 124 5.40 0.95 32.20
C PRO A 124 6.89 0.70 32.29
N PRO A 125 7.60 0.60 31.13
CA PRO A 125 7.06 0.73 29.77
C PRO A 125 6.41 -0.52 29.20
N HIS A 126 6.33 -1.59 29.98
CA HIS A 126 5.84 -2.87 29.48
C HIS A 126 4.41 -3.06 29.93
N LEU A 127 3.54 -3.46 29.03
CA LEU A 127 2.16 -3.77 29.35
C LEU A 127 1.77 -5.13 28.79
N ALA A 128 0.83 -5.81 29.44
CA ALA A 128 0.29 -7.05 28.89
C ALA A 128 -1.22 -7.05 28.93
N ILE A 129 -1.82 -7.84 28.05
CA ILE A 129 -3.25 -8.06 28.02
C ILE A 129 -3.45 -9.53 27.84
N ILE A 130 -4.22 -10.14 28.72
CA ILE A 130 -4.29 -11.59 28.78
C ILE A 130 -5.72 -12.00 28.52
N THR A 131 -5.95 -12.71 27.42
CA THR A 131 -7.28 -13.20 27.08
C THR A 131 -7.21 -14.72 26.97
N SER A 132 -8.35 -15.39 26.90
CA SER A 132 -8.11 -16.82 26.81
C SER A 132 -7.62 -17.16 25.41
N LEU A 133 -6.98 -18.33 25.30
CA LEU A 133 -6.37 -18.80 24.07
C LEU A 133 -7.40 -19.52 23.23
N CYS A 134 -7.45 -19.20 21.94
CA CYS A 134 -8.43 -19.78 21.04
C CYS A 134 -7.83 -21.00 20.37
N LYS A 135 -8.30 -22.16 20.77
CA LYS A 135 -8.20 -23.37 19.98
C LYS A 135 -8.67 -23.11 18.55
N GLY A 136 -8.02 -23.73 17.58
CA GLY A 136 -8.52 -23.67 16.21
C GLY A 136 -7.95 -22.54 15.38
N ARG A 137 -8.62 -22.28 14.25
CA ARG A 137 -8.09 -21.39 13.23
C ARG A 137 -8.89 -20.10 13.12
N THR A 138 -8.21 -19.07 12.60
CA THR A 138 -8.91 -17.84 12.28
C THR A 138 -9.91 -18.08 11.15
N LEU A 139 -11.02 -17.34 11.19
CA LEU A 139 -11.93 -17.32 10.07
C LEU A 139 -11.21 -16.95 8.77
N TYR A 140 -10.23 -16.05 8.84
CA TYR A 140 -9.38 -15.79 7.68
C TYR A 140 -8.81 -17.07 7.09
N SER A 141 -8.14 -17.90 7.90
CA SER A 141 -7.50 -19.11 7.38
C SER A 141 -8.51 -20.19 6.97
N VAL A 142 -9.71 -20.18 7.56
CA VAL A 142 -10.74 -21.12 7.14
C VAL A 142 -11.35 -20.73 5.79
N VAL A 143 -11.73 -19.45 5.63
CA VAL A 143 -12.20 -18.97 4.33
C VAL A 143 -11.25 -19.33 3.18
N ARG A 144 -9.94 -19.40 3.42
CA ARG A 144 -8.98 -19.57 2.35
C ARG A 144 -8.46 -21.00 2.20
N ASP A 145 -9.11 -21.98 2.83
CA ASP A 145 -8.68 -23.38 2.76
C ASP A 145 -9.61 -24.10 1.81
N ALA A 146 -9.06 -24.55 0.68
CA ALA A 146 -9.86 -25.14 -0.38
C ALA A 146 -10.66 -26.35 0.13
N LYS A 147 -10.05 -27.12 1.03
CA LYS A 147 -10.59 -28.33 1.63
C LYS A 147 -11.82 -28.06 2.51
N ILE A 148 -12.26 -26.81 2.65
CA ILE A 148 -13.30 -26.46 3.61
C ILE A 148 -14.55 -26.03 2.86
N VAL A 149 -15.66 -26.73 3.10
CA VAL A 149 -16.93 -26.35 2.49
C VAL A 149 -17.53 -25.18 3.24
N LEU A 150 -17.97 -24.18 2.50
CA LEU A 150 -18.60 -23.01 3.10
C LEU A 150 -20.00 -22.78 2.54
N ASP A 151 -20.94 -23.69 2.80
CA ASP A 151 -22.25 -23.59 2.15
C ASP A 151 -23.05 -22.37 2.65
N VAL A 152 -24.11 -22.02 1.90
CA VAL A 152 -24.79 -20.75 2.17
C VAL A 152 -25.60 -20.82 3.46
N ASN A 153 -25.86 -22.03 3.96
CA ASN A 153 -26.47 -22.19 5.27
C ASN A 153 -25.44 -21.98 6.36
N LYS A 154 -24.22 -22.50 6.15
CA LYS A 154 -23.20 -22.38 7.19
C LYS A 154 -22.67 -20.95 7.29
N THR A 155 -22.39 -20.28 6.16
CA THR A 155 -22.04 -18.86 6.23
C THR A 155 -23.14 -18.02 6.88
N ARG A 156 -24.41 -18.37 6.68
CA ARG A 156 -25.45 -17.59 7.35
C ARG A 156 -25.35 -17.75 8.85
N GLN A 157 -24.84 -18.91 9.32
CA GLN A 157 -24.68 -19.18 10.75
C GLN A 157 -23.46 -18.46 11.34
N ILE A 158 -22.26 -18.68 10.78
CA ILE A 158 -21.04 -17.94 11.16
C ILE A 158 -21.25 -16.42 11.20
N ALA A 159 -22.10 -15.88 10.34
CA ALA A 159 -22.37 -14.44 10.43
C ALA A 159 -23.27 -14.12 11.62
N GLN A 160 -24.20 -15.03 11.97
CA GLN A 160 -25.09 -14.79 13.09
C GLN A 160 -24.35 -14.79 14.42
N GLU A 161 -23.32 -15.64 14.54
CA GLU A 161 -22.48 -15.69 15.75
C GLU A 161 -21.75 -14.37 15.95
N ILE A 162 -21.09 -13.88 14.90
CA ILE A 162 -20.38 -12.60 15.00
C ILE A 162 -21.36 -11.50 15.39
N VAL A 163 -22.58 -11.56 14.85
CA VAL A 163 -23.52 -10.48 15.08
C VAL A 163 -23.94 -10.45 16.55
N LYS A 164 -24.20 -11.64 17.13
CA LYS A 164 -24.57 -11.77 18.54
C LYS A 164 -23.51 -11.13 19.44
N GLY A 165 -22.30 -11.70 19.39
CA GLY A 165 -21.11 -11.13 19.97
C GLY A 165 -21.02 -9.63 19.77
N MET A 166 -21.27 -9.15 18.53
CA MET A 166 -21.17 -7.71 18.29
C MET A 166 -22.32 -6.91 18.87
N GLY A 167 -23.55 -7.48 18.89
CA GLY A 167 -24.61 -6.84 19.65
C GLY A 167 -24.26 -6.68 21.13
N TYR A 168 -23.62 -7.71 21.71
CA TYR A 168 -23.25 -7.69 23.13
C TYR A 168 -22.26 -6.58 23.45
N LEU A 169 -21.23 -6.41 22.62
CA LEU A 169 -20.23 -5.38 22.85
C LEU A 169 -20.81 -4.00 22.64
N HIS A 170 -21.75 -3.87 21.68
CA HIS A 170 -22.45 -2.61 21.53
C HIS A 170 -23.35 -2.33 22.72
N ALA A 171 -24.09 -3.36 23.16
CA ALA A 171 -24.98 -3.22 24.32
C ALA A 171 -24.25 -2.57 25.49
N LYS A 172 -22.99 -2.97 25.71
CA LYS A 172 -22.13 -2.46 26.77
C LYS A 172 -21.33 -1.20 26.39
N GLY A 173 -21.60 -0.56 25.25
CA GLY A 173 -20.91 0.68 24.88
C GLY A 173 -19.46 0.52 24.47
N ILE A 174 -19.16 -0.57 23.77
CA ILE A 174 -17.81 -0.93 23.34
C ILE A 174 -17.83 -1.07 21.83
N LEU A 175 -17.15 -0.16 21.14
CA LEU A 175 -16.87 -0.34 19.72
C LEU A 175 -15.65 -1.21 19.53
N HIS A 176 -15.66 -1.97 18.44
CA HIS A 176 -14.57 -2.88 18.16
C HIS A 176 -13.42 -2.18 17.48
N LYS A 177 -13.74 -1.43 16.42
CA LYS A 177 -12.86 -0.60 15.60
C LYS A 177 -11.88 -1.42 14.76
N ASP A 178 -11.97 -2.74 14.74
CA ASP A 178 -11.07 -3.53 13.91
C ASP A 178 -11.68 -4.93 13.70
N LEU A 179 -12.99 -4.97 13.48
CA LEU A 179 -13.65 -6.20 13.12
C LEU A 179 -13.15 -6.72 11.76
N LYS A 180 -12.76 -7.98 11.71
CA LYS A 180 -12.18 -8.58 10.50
C LYS A 180 -12.04 -10.08 10.75
N SER A 181 -11.86 -10.81 9.67
CA SER A 181 -11.79 -12.24 9.77
C SER A 181 -10.48 -12.70 10.40
N LYS A 182 -9.45 -11.86 10.41
CA LYS A 182 -8.27 -12.29 11.13
C LYS A 182 -8.40 -12.11 12.64
N ASN A 183 -9.48 -11.47 13.11
CA ASN A 183 -9.81 -11.22 14.51
C ASN A 183 -11.16 -11.86 14.83
N VAL A 184 -11.50 -12.95 14.15
CA VAL A 184 -12.59 -13.86 14.52
C VAL A 184 -12.04 -15.28 14.47
N PHE A 185 -12.32 -16.08 15.50
CA PHE A 185 -11.86 -17.46 15.53
C PHE A 185 -13.03 -18.42 15.35
N TYR A 186 -12.77 -19.54 14.65
CA TYR A 186 -13.77 -20.56 14.30
C TYR A 186 -13.18 -21.94 14.57
N ASP A 187 -13.92 -22.77 15.29
CA ASP A 187 -13.50 -24.16 15.49
C ASP A 187 -14.74 -25.02 15.66
N ASN A 188 -15.14 -25.70 14.58
CA ASN A 188 -16.26 -26.63 14.62
C ASN A 188 -17.49 -25.99 15.29
N GLY A 189 -17.86 -24.82 14.77
CA GLY A 189 -19.11 -24.18 15.12
C GLY A 189 -19.04 -23.18 16.25
N LYS A 190 -17.94 -23.13 17.01
CA LYS A 190 -17.86 -22.06 17.99
C LYS A 190 -17.12 -20.88 17.36
N VAL A 191 -17.66 -19.69 17.57
CA VAL A 191 -17.20 -18.49 16.90
C VAL A 191 -16.93 -17.40 17.93
N VAL A 192 -15.69 -16.93 17.99
CA VAL A 192 -15.24 -16.00 19.01
C VAL A 192 -14.66 -14.77 18.31
N ILE A 193 -15.13 -13.52 18.72
CA ILE A 193 -14.50 -12.26 18.30
C ILE A 193 -13.31 -11.89 19.18
N THR A 194 -12.20 -11.47 18.60
CA THR A 194 -11.11 -11.03 19.47
C THR A 194 -10.73 -9.61 19.12
N ASP A 195 -9.71 -9.12 19.82
CA ASP A 195 -9.03 -7.84 19.57
C ASP A 195 -9.94 -6.61 19.55
N PHE A 196 -11.04 -6.61 20.33
CA PHE A 196 -11.94 -5.45 20.32
C PHE A 196 -11.36 -4.29 21.12
N GLY A 197 -11.55 -3.09 20.61
CA GLY A 197 -11.08 -1.89 21.26
C GLY A 197 -9.61 -1.65 21.19
N LEU A 198 -8.80 -2.62 20.72
CA LEU A 198 -7.35 -2.43 20.70
C LEU A 198 -6.91 -1.30 19.80
N PHE A 199 -7.66 -1.05 18.72
CA PHE A 199 -7.20 -0.13 17.67
C PHE A 199 -7.01 1.29 18.18
N SER A 200 -7.90 1.75 19.07
CA SER A 200 -7.75 3.03 19.73
C SER A 200 -6.31 3.24 20.20
N ILE A 201 -5.78 2.29 20.95
CA ILE A 201 -4.52 2.46 21.64
C ILE A 201 -3.37 1.84 20.85
N SER A 202 -3.57 1.62 19.54
CA SER A 202 -2.78 0.63 18.80
C SER A 202 -1.51 1.22 18.22
N GLY A 203 -1.64 2.22 17.35
CA GLY A 203 -0.48 2.77 16.68
C GLY A 203 -0.03 2.00 15.45
N VAL A 204 -0.94 1.29 14.78
CA VAL A 204 -0.59 0.49 13.61
C VAL A 204 -0.31 1.36 12.38
N LEU A 205 -0.41 2.69 12.53
CA LEU A 205 -0.15 3.64 11.45
C LEU A 205 1.14 4.43 11.61
N GLN A 206 1.54 4.77 12.84
CA GLN A 206 2.92 5.25 13.08
C GLN A 206 3.26 6.57 12.39
N ARG A 210 6.52 6.22 7.83
CA ARG A 210 7.34 7.01 6.93
C ARG A 210 6.93 8.49 6.90
N GLU A 211 7.70 9.31 6.18
CA GLU A 211 7.44 10.75 6.16
C GLU A 211 6.37 11.07 5.11
N ASP A 212 5.30 11.77 5.53
CA ASP A 212 4.20 12.16 4.63
C ASP A 212 3.66 10.98 3.83
N LYS A 213 3.56 9.81 4.47
CA LYS A 213 3.12 8.62 3.73
C LYS A 213 2.53 7.64 4.74
N LEU A 214 1.21 7.47 4.71
CA LEU A 214 0.50 6.58 5.60
C LEU A 214 0.67 5.12 5.19
N ARG A 215 1.12 4.29 6.13
CA ARG A 215 1.24 2.85 5.90
C ARG A 215 -0.16 2.21 5.95
N ILE A 216 -0.59 1.61 4.84
CA ILE A 216 -1.89 0.95 4.75
C ILE A 216 -1.67 -0.52 4.46
N GLN A 217 -2.17 -1.39 5.34
CA GLN A 217 -2.00 -2.82 5.09
C GLN A 217 -3.17 -3.40 4.32
N ASN A 218 -2.83 -4.33 3.42
CA ASN A 218 -3.81 -5.00 2.58
C ASN A 218 -4.93 -5.60 3.41
N GLY A 219 -6.14 -5.22 3.09
CA GLY A 219 -7.31 -5.75 3.78
C GLY A 219 -7.97 -4.75 4.72
N TRP A 220 -7.23 -3.71 5.15
CA TRP A 220 -7.77 -2.74 6.09
C TRP A 220 -8.82 -1.86 5.42
N LEU A 221 -8.50 -1.31 4.24
CA LEU A 221 -9.34 -0.26 3.66
C LEU A 221 -10.71 -0.79 3.30
N CYS A 222 -10.80 -2.04 2.89
CA CYS A 222 -12.11 -2.52 2.49
C CYS A 222 -13.02 -2.87 3.66
N HIS A 223 -12.58 -2.69 4.92
CA HIS A 223 -13.44 -2.76 6.10
C HIS A 223 -13.89 -1.39 6.57
N LEU A 224 -13.34 -0.30 6.00
CA LEU A 224 -13.56 1.06 6.49
C LEU A 224 -14.76 1.67 5.78
N ALA A 225 -15.80 1.96 6.53
CA ALA A 225 -16.94 2.74 6.05
C ALA A 225 -16.47 4.07 5.43
N PRO A 226 -17.28 4.68 4.54
CA PRO A 226 -16.79 5.85 3.79
C PRO A 226 -16.52 7.07 4.65
N GLU A 227 -17.32 7.29 5.70
CA GLU A 227 -17.08 8.42 6.58
C GLU A 227 -15.68 8.43 7.10
N ILE A 228 -15.05 7.25 7.16
CA ILE A 228 -13.66 7.11 7.61
C ILE A 228 -12.69 7.27 6.46
N ILE A 229 -12.93 6.50 5.40
CA ILE A 229 -12.05 6.52 4.25
C ILE A 229 -11.80 7.94 3.80
N ARG A 230 -12.88 8.72 3.70
CA ARG A 230 -12.79 10.12 3.30
C ARG A 230 -11.88 10.95 4.18
N GLN A 231 -11.42 10.41 5.31
CA GLN A 231 -10.63 11.20 6.24
C GLN A 231 -9.21 10.71 6.44
N LEU A 232 -8.85 9.54 5.93
CA LEU A 232 -7.47 9.09 6.00
C LEU A 232 -6.53 10.11 5.39
N SER A 233 -5.53 10.52 6.18
CA SER A 233 -4.43 11.43 5.82
C SER A 233 -3.10 10.82 6.27
N PRO A 234 -1.93 11.38 5.91
CA PRO A 234 -0.68 10.98 6.58
C PRO A 234 -0.51 11.60 7.96
N ASP A 235 -1.53 12.30 8.45
CA ASP A 235 -1.56 12.83 9.80
C ASP A 235 -2.63 12.16 10.66
N THR A 236 -3.34 11.16 10.14
CA THR A 236 -4.47 10.58 10.84
C THR A 236 -3.96 9.73 12.01
N GLU A 237 -4.63 9.80 13.15
CA GLU A 237 -4.30 9.01 14.33
C GLU A 237 -5.49 8.14 14.72
N GLU A 238 -5.20 6.91 15.16
CA GLU A 238 -6.25 5.91 15.42
C GLU A 238 -7.20 6.36 16.52
N ASP A 239 -6.68 7.10 17.49
CA ASP A 239 -7.52 7.58 18.59
C ASP A 239 -8.51 8.64 18.14
N LYS A 240 -8.29 9.29 16.99
CA LYS A 240 -9.19 10.32 16.51
C LYS A 240 -9.87 9.97 15.17
N LEU A 241 -9.96 8.73 14.84
CA LEU A 241 -10.81 8.48 13.69
C LEU A 241 -12.27 8.32 14.15
N PRO A 242 -13.25 8.80 13.35
CA PRO A 242 -14.66 8.72 13.75
C PRO A 242 -15.29 7.33 13.71
N PHE A 243 -14.80 6.37 14.48
CA PHE A 243 -15.49 5.09 14.58
C PHE A 243 -16.85 5.29 15.24
N SER A 244 -17.73 4.31 15.06
CA SER A 244 -19.11 4.40 15.50
C SER A 244 -19.66 2.99 15.55
N LYS A 245 -20.88 2.85 16.04
CA LYS A 245 -21.50 1.55 15.86
C LYS A 245 -21.82 1.33 14.40
N HIS A 246 -21.89 2.41 13.62
CA HIS A 246 -22.20 2.21 12.22
C HIS A 246 -20.99 1.71 11.45
N SER A 247 -19.81 2.29 11.72
CA SER A 247 -18.61 1.82 11.03
C SER A 247 -18.34 0.37 11.37
N ASP A 248 -18.72 -0.09 12.57
CA ASP A 248 -18.52 -1.49 12.90
C ASP A 248 -19.47 -2.39 12.13
N VAL A 249 -20.68 -1.91 11.83
CA VAL A 249 -21.58 -2.74 11.04
C VAL A 249 -21.06 -2.83 9.62
N PHE A 250 -20.62 -1.69 9.04
CA PHE A 250 -19.93 -1.73 7.76
C PHE A 250 -18.90 -2.85 7.70
N ALA A 251 -18.02 -2.94 8.72
CA ALA A 251 -16.97 -3.95 8.74
C ALA A 251 -17.54 -5.35 8.74
N LEU A 252 -18.74 -5.52 9.28
CA LEU A 252 -19.35 -6.84 9.20
C LEU A 252 -19.76 -7.14 7.75
N GLY A 253 -20.31 -6.14 7.05
CA GLY A 253 -20.58 -6.30 5.62
C GLY A 253 -19.40 -6.87 4.86
N THR A 254 -18.18 -6.37 5.15
CA THR A 254 -16.98 -6.85 4.49
C THR A 254 -16.71 -8.31 4.80
N ILE A 255 -17.02 -8.75 6.02
CA ILE A 255 -16.93 -10.18 6.33
C ILE A 255 -18.00 -10.95 5.55
N TRP A 256 -19.24 -10.43 5.49
CA TRP A 256 -20.30 -11.13 4.75
C TRP A 256 -19.93 -11.33 3.28
N TYR A 257 -19.50 -10.25 2.58
CA TYR A 257 -18.88 -10.43 1.27
C TYR A 257 -17.84 -11.53 1.30
N GLU A 258 -16.85 -11.41 2.20
CA GLU A 258 -15.72 -12.33 2.24
C GLU A 258 -16.16 -13.78 2.48
N LEU A 259 -17.29 -13.99 3.17
CA LEU A 259 -17.74 -15.35 3.47
C LEU A 259 -18.17 -16.09 2.21
N HIS A 260 -18.72 -15.35 1.24
CA HIS A 260 -19.24 -15.92 0.01
C HIS A 260 -18.22 -15.86 -1.11
N ALA A 261 -17.59 -14.71 -1.30
CA ALA A 261 -16.54 -14.62 -2.29
C ALA A 261 -15.32 -15.46 -1.96
N ARG A 262 -15.08 -15.81 -0.68
CA ARG A 262 -13.83 -16.45 -0.19
C ARG A 262 -12.58 -15.66 -0.58
N GLU A 263 -12.76 -14.35 -0.77
CA GLU A 263 -11.67 -13.40 -0.82
C GLU A 263 -12.24 -12.04 -0.43
N TRP A 264 -11.34 -11.11 -0.13
CA TRP A 264 -11.73 -9.76 0.18
C TRP A 264 -12.24 -9.03 -1.07
N PRO A 265 -13.13 -8.06 -0.89
CA PRO A 265 -13.48 -7.18 -2.01
C PRO A 265 -12.39 -6.18 -2.30
N PHE A 266 -12.24 -5.84 -3.59
CA PHE A 266 -11.21 -4.95 -4.14
C PHE A 266 -9.88 -5.65 -4.16
N LYS A 267 -9.92 -6.93 -4.43
CA LYS A 267 -8.71 -7.74 -4.33
C LYS A 267 -7.73 -7.32 -5.42
N THR A 268 -8.23 -7.04 -6.63
CA THR A 268 -7.37 -6.71 -7.75
C THR A 268 -6.71 -5.32 -7.61
N GLN A 269 -7.48 -4.28 -7.14
CA GLN A 269 -7.19 -2.85 -7.24
C GLN A 269 -6.08 -2.36 -6.30
N PRO A 270 -5.34 -1.31 -6.71
CA PRO A 270 -4.37 -0.70 -5.80
C PRO A 270 -5.05 0.12 -4.71
N ALA A 271 -4.24 0.57 -3.72
CA ALA A 271 -4.81 1.20 -2.52
C ALA A 271 -5.45 2.53 -2.84
N GLU A 272 -4.72 3.41 -3.54
CA GLU A 272 -5.29 4.68 -3.95
C GLU A 272 -6.60 4.48 -4.70
N ALA A 273 -6.67 3.49 -5.58
CA ALA A 273 -7.93 3.20 -6.26
C ALA A 273 -9.03 2.87 -5.27
N ILE A 274 -8.72 2.05 -4.26
CA ILE A 274 -9.74 1.65 -3.29
C ILE A 274 -10.27 2.86 -2.55
N ILE A 275 -9.38 3.78 -2.14
CA ILE A 275 -9.82 4.94 -1.37
C ILE A 275 -10.83 5.74 -2.16
N TRP A 276 -10.53 6.00 -3.45
CA TRP A 276 -11.45 6.81 -4.23
C TRP A 276 -12.75 6.08 -4.49
N GLN A 277 -12.67 4.83 -4.94
CA GLN A 277 -13.89 4.07 -5.23
C GLN A 277 -14.80 4.02 -4.01
N MET A 278 -14.20 3.83 -2.81
CA MET A 278 -15.01 3.59 -1.60
C MET A 278 -15.50 4.89 -1.00
N GLY A 279 -14.69 5.96 -1.05
CA GLY A 279 -15.19 7.27 -0.68
C GLY A 279 -16.41 7.72 -1.45
N THR A 280 -16.51 7.35 -2.73
CA THR A 280 -17.63 7.79 -3.55
C THR A 280 -18.78 6.78 -3.61
N GLY A 281 -18.66 5.62 -3.01
CA GLY A 281 -19.83 4.80 -2.81
C GLY A 281 -19.91 3.55 -3.63
N MET A 282 -18.84 3.16 -4.28
CA MET A 282 -18.93 2.06 -5.22
C MET A 282 -18.63 0.74 -4.53
N LYS A 283 -19.61 -0.14 -4.52
CA LYS A 283 -19.54 -1.39 -3.81
C LYS A 283 -19.82 -2.57 -4.74
N PRO A 284 -19.06 -3.65 -4.62
CA PRO A 284 -19.38 -4.89 -5.37
C PRO A 284 -20.69 -5.55 -4.94
N ASN A 285 -21.09 -6.55 -5.71
CA ASN A 285 -22.24 -7.36 -5.35
C ASN A 285 -21.80 -8.82 -5.49
N LEU A 286 -22.71 -9.76 -5.25
CA LEU A 286 -22.32 -11.17 -5.31
C LEU A 286 -23.06 -11.91 -6.41
N SER A 287 -23.60 -11.17 -7.40
CA SER A 287 -24.25 -11.83 -8.52
C SER A 287 -23.26 -12.50 -9.45
N GLN A 288 -22.02 -12.01 -9.54
CA GLN A 288 -21.03 -12.61 -10.44
C GLN A 288 -20.68 -14.06 -10.08
N ILE A 289 -21.00 -14.53 -8.86
CA ILE A 289 -20.78 -15.92 -8.49
C ILE A 289 -22.10 -16.64 -8.19
N GLY A 290 -23.23 -16.08 -8.60
CA GLY A 290 -24.48 -16.80 -8.51
C GLY A 290 -25.12 -16.83 -7.13
N MET A 291 -25.08 -15.72 -6.40
CA MET A 291 -25.72 -15.62 -5.10
C MET A 291 -27.03 -14.88 -5.30
N GLY A 292 -28.10 -15.43 -4.75
CA GLY A 292 -29.43 -14.88 -4.93
C GLY A 292 -29.62 -13.47 -4.41
N LYS A 293 -30.85 -13.00 -4.50
CA LYS A 293 -31.15 -11.63 -4.14
C LYS A 293 -30.90 -11.36 -2.67
N GLU A 294 -31.16 -12.36 -1.80
CA GLU A 294 -31.24 -12.13 -0.35
C GLU A 294 -29.85 -12.10 0.29
N ILE A 295 -29.00 -13.09 -0.05
CA ILE A 295 -27.58 -13.01 0.24
C ILE A 295 -26.97 -11.71 -0.27
N SER A 296 -27.40 -11.21 -1.42
CA SER A 296 -26.85 -9.93 -1.89
C SER A 296 -27.54 -8.70 -1.31
N ASP A 297 -28.72 -8.84 -0.70
CA ASP A 297 -29.37 -7.69 -0.06
C ASP A 297 -28.69 -7.32 1.24
N ILE A 298 -28.08 -8.30 1.92
CA ILE A 298 -27.32 -8.00 3.15
C ILE A 298 -26.31 -6.89 2.89
N LEU A 299 -25.51 -7.04 1.83
CA LEU A 299 -24.42 -6.09 1.59
C LEU A 299 -24.95 -4.69 1.39
N LEU A 300 -26.08 -4.55 0.69
CA LEU A 300 -26.59 -3.21 0.40
C LEU A 300 -26.98 -2.49 1.68
N PHE A 301 -27.45 -3.23 2.67
CA PHE A 301 -27.80 -2.62 3.94
C PHE A 301 -26.57 -2.29 4.79
N CYS A 302 -25.64 -3.25 4.94
CA CYS A 302 -24.45 -3.02 5.76
C CYS A 302 -23.52 -1.97 5.14
N TRP A 303 -23.34 -1.97 3.82
CA TRP A 303 -22.42 -1.05 3.13
C TRP A 303 -23.07 0.27 2.73
N ALA A 304 -24.33 0.51 3.13
CA ALA A 304 -25.04 1.76 2.83
C ALA A 304 -24.16 3.00 3.06
N PHE A 305 -24.31 4.00 2.17
CA PHE A 305 -23.38 5.12 2.17
C PHE A 305 -23.66 6.08 3.35
N GLU A 306 -24.91 6.34 3.66
CA GLU A 306 -25.19 7.23 4.77
C GLU A 306 -25.36 6.36 6.02
N GLN A 307 -24.57 6.64 7.07
CA GLN A 307 -24.48 5.77 8.26
C GLN A 307 -25.86 5.38 8.79
N GLU A 308 -26.71 6.38 9.00
CA GLU A 308 -28.03 6.17 9.60
C GLU A 308 -28.87 5.16 8.83
N GLU A 309 -28.56 4.86 7.59
CA GLU A 309 -29.28 3.80 6.88
C GLU A 309 -28.76 2.41 7.22
N ARG A 310 -27.64 2.30 7.95
CA ARG A 310 -27.17 0.95 8.26
C ARG A 310 -27.82 0.43 9.54
N PRO A 311 -28.19 -0.85 9.56
CA PRO A 311 -28.91 -1.39 10.71
C PRO A 311 -28.08 -1.43 11.98
N THR A 312 -28.79 -1.61 13.09
CA THR A 312 -28.14 -2.11 14.28
C THR A 312 -27.86 -3.59 14.11
N PHE A 313 -27.04 -4.12 15.02
CA PHE A 313 -26.78 -5.56 15.01
C PHE A 313 -28.02 -6.37 15.33
N THR A 314 -28.89 -5.83 16.20
CA THR A 314 -30.16 -6.50 16.45
C THR A 314 -30.95 -6.65 15.15
N LYS A 315 -31.15 -5.53 14.43
CA LYS A 315 -31.90 -5.60 13.17
C LYS A 315 -31.25 -6.59 12.21
N LEU A 316 -29.92 -6.57 12.12
CA LEU A 316 -29.21 -7.46 11.22
C LEU A 316 -29.38 -8.93 11.60
N MET A 317 -29.53 -9.21 12.90
CA MET A 317 -29.72 -10.60 13.32
C MET A 317 -31.03 -11.13 12.76
N ASP A 318 -32.08 -10.28 12.77
CA ASP A 318 -33.39 -10.63 12.21
C ASP A 318 -33.29 -10.88 10.70
N MET A 319 -32.52 -10.05 10.00
CA MET A 319 -32.46 -10.16 8.55
C MET A 319 -31.77 -11.44 8.11
N LEU A 320 -30.79 -11.89 8.88
CA LEU A 320 -30.07 -13.14 8.65
C LEU A 320 -30.86 -14.38 9.02
N GLU A 321 -31.91 -14.25 9.83
CA GLU A 321 -32.72 -15.42 10.17
C GLU A 321 -33.62 -15.81 9.01
N LYS A 322 -33.99 -14.81 8.19
CA LYS A 322 -34.92 -14.93 7.09
C LYS A 322 -34.25 -15.44 5.80
N LEU A 323 -33.06 -16.09 5.90
CA LEU A 323 -32.53 -16.56 4.63
C LEU A 323 -32.96 -18.01 4.43
N PRO A 324 -33.01 -18.51 3.19
CA PRO A 324 -33.32 -19.93 2.93
C PRO A 324 -32.30 -20.96 3.41
N GLU B 32 15.91 4.02 -33.92
CA GLU B 32 15.74 3.13 -32.78
C GLU B 32 17.02 2.33 -32.46
N LEU B 33 18.19 2.94 -32.71
CA LEU B 33 19.49 2.31 -32.50
C LEU B 33 20.61 3.32 -32.71
N ASP B 34 21.50 3.44 -31.74
CA ASP B 34 22.74 4.24 -31.83
C ASP B 34 23.93 3.28 -31.67
N GLU B 35 25.15 3.82 -31.80
CA GLU B 35 26.36 3.04 -31.57
C GLU B 35 27.15 3.48 -30.35
N GLN B 36 27.24 4.80 -30.04
CA GLN B 36 27.74 5.20 -28.72
C GLN B 36 26.95 4.54 -27.60
N GLN B 37 25.64 4.41 -27.80
CA GLN B 37 24.81 3.61 -26.91
C GLN B 37 25.12 2.11 -27.02
N ARG B 38 25.52 1.63 -28.21
CA ARG B 38 25.79 0.19 -28.37
C ARG B 38 27.07 -0.25 -27.65
N LYS B 39 27.99 0.67 -27.38
CA LYS B 39 29.21 0.33 -26.64
C LYS B 39 28.93 0.13 -25.15
N ARG B 40 28.10 1.01 -24.55
CA ARG B 40 27.88 0.97 -23.11
C ARG B 40 27.07 -0.25 -22.68
N LEU B 41 26.13 -0.70 -23.53
CA LEU B 41 25.37 -1.93 -23.25
C LEU B 41 26.26 -3.17 -23.42
N GLU B 42 27.10 -3.21 -24.46
CA GLU B 42 28.06 -4.30 -24.57
C GLU B 42 29.07 -4.27 -23.41
N ALA B 43 29.35 -3.08 -22.87
CA ALA B 43 30.23 -2.94 -21.69
C ALA B 43 29.56 -3.41 -20.41
N PHE B 44 28.23 -3.31 -20.33
CA PHE B 44 27.45 -3.81 -19.20
C PHE B 44 27.25 -5.32 -19.26
N LEU B 45 27.04 -5.88 -20.46
CA LEU B 45 26.85 -7.32 -20.61
C LEU B 45 28.09 -8.11 -20.18
N THR B 46 29.27 -7.49 -20.26
CA THR B 46 30.51 -8.10 -19.78
C THR B 46 30.66 -8.00 -18.26
N GLN B 47 30.10 -6.95 -17.64
CA GLN B 47 30.22 -6.77 -16.18
C GLN B 47 29.33 -7.71 -15.38
N LYS B 48 28.39 -8.40 -16.02
CA LYS B 48 27.49 -9.39 -15.42
C LYS B 48 28.03 -10.81 -15.49
N GLN B 49 28.85 -11.11 -16.51
CA GLN B 49 29.63 -12.36 -16.53
C GLN B 49 30.50 -12.49 -15.29
N LYS B 50 30.91 -11.34 -14.72
CA LYS B 50 31.82 -11.28 -13.59
C LYS B 50 31.19 -11.67 -12.26
N VAL B 51 29.86 -11.62 -12.14
CA VAL B 51 29.21 -11.77 -10.84
C VAL B 51 28.80 -13.21 -10.56
N GLY B 52 28.30 -13.93 -11.56
CA GLY B 52 27.76 -15.27 -11.35
C GLY B 52 26.51 -15.28 -10.50
N GLU B 53 26.63 -15.82 -9.27
CA GLU B 53 25.51 -15.90 -8.33
C GLU B 53 25.82 -15.08 -7.08
N LEU B 54 24.79 -14.88 -6.27
CA LEU B 54 24.79 -13.86 -5.24
C LEU B 54 24.23 -14.44 -3.95
N LYS B 55 24.64 -13.85 -2.80
CA LYS B 55 24.13 -14.20 -1.48
C LYS B 55 24.56 -13.10 -0.51
N ASP B 56 23.93 -13.07 0.67
CA ASP B 56 24.02 -11.91 1.58
C ASP B 56 25.45 -11.51 1.91
N ASP B 57 26.32 -12.49 2.20
CA ASP B 57 27.67 -12.19 2.68
C ASP B 57 28.59 -11.66 1.56
N ASP B 58 28.12 -11.63 0.31
CA ASP B 58 28.89 -11.03 -0.78
C ASP B 58 28.96 -9.51 -0.69
N PHE B 59 28.07 -8.86 0.07
CA PHE B 59 27.81 -7.42 -0.04
C PHE B 59 28.14 -6.69 1.26
N GLU B 60 28.74 -5.49 1.12
CA GLU B 60 29.19 -4.67 2.24
C GLU B 60 28.56 -3.29 2.12
N LYS B 61 27.78 -2.90 3.13
CA LYS B 61 26.99 -1.67 3.09
C LYS B 61 27.89 -0.44 3.02
N ILE B 62 27.65 0.42 2.02
CA ILE B 62 28.37 1.69 1.86
C ILE B 62 27.55 2.88 2.39
N SER B 63 26.34 3.07 1.87
CA SER B 63 25.53 4.24 2.18
C SER B 63 24.05 3.94 1.93
N GLU B 64 23.18 4.61 2.69
CA GLU B 64 21.73 4.46 2.57
C GLU B 64 21.21 5.38 1.46
N LEU B 65 20.11 4.95 0.83
CA LEU B 65 19.61 5.71 -0.32
C LEU B 65 18.15 6.05 -0.12
N VAL B 72 13.57 -0.60 1.20
CA VAL B 72 14.60 0.43 1.18
C VAL B 72 15.84 -0.06 0.44
N VAL B 73 16.53 0.89 -0.17
CA VAL B 73 17.64 0.59 -1.07
C VAL B 73 18.93 1.08 -0.44
N PHE B 74 20.01 0.36 -0.75
CA PHE B 74 21.33 0.71 -0.28
C PHE B 74 22.29 0.71 -1.46
N LYS B 75 23.25 1.64 -1.43
CA LYS B 75 24.42 1.55 -2.30
C LYS B 75 25.44 0.66 -1.60
N VAL B 76 25.78 -0.48 -2.24
CA VAL B 76 26.60 -1.50 -1.61
C VAL B 76 27.76 -1.88 -2.53
N SER B 77 28.80 -2.47 -1.92
CA SER B 77 30.05 -2.83 -2.59
C SER B 77 30.12 -4.37 -2.64
N HIS B 78 29.85 -4.93 -3.82
CA HIS B 78 30.12 -6.34 -4.08
C HIS B 78 31.62 -6.58 -3.92
N LYS B 79 31.99 -7.67 -3.26
CA LYS B 79 33.40 -8.01 -3.09
C LYS B 79 33.87 -9.07 -4.08
N PRO B 80 33.08 -10.13 -4.38
CA PRO B 80 33.46 -11.03 -5.49
C PRO B 80 33.56 -10.36 -6.87
N SER B 81 33.19 -9.09 -7.00
CA SER B 81 33.29 -8.33 -8.23
C SER B 81 33.41 -6.85 -7.86
N GLY B 82 34.47 -6.19 -8.32
CA GLY B 82 34.67 -4.78 -7.98
C GLY B 82 33.66 -3.84 -8.60
N LEU B 83 32.36 -4.17 -8.48
CA LEU B 83 31.27 -3.44 -9.12
C LEU B 83 30.34 -2.91 -8.03
N VAL B 84 30.25 -1.59 -7.89
CA VAL B 84 29.32 -0.96 -6.94
C VAL B 84 27.90 -1.07 -7.47
N MET B 85 27.05 -1.81 -6.76
CA MET B 85 25.66 -1.99 -7.15
C MET B 85 24.76 -1.13 -6.25
N ALA B 86 23.47 -1.13 -6.59
CA ALA B 86 22.42 -0.72 -5.68
C ALA B 86 21.58 -1.95 -5.39
N ARG B 87 21.29 -2.18 -4.11
CA ARG B 87 20.44 -3.30 -3.71
C ARG B 87 19.17 -2.73 -3.10
N LYS B 88 18.03 -3.21 -3.61
CA LYS B 88 16.74 -2.95 -3.00
C LYS B 88 16.31 -4.18 -2.22
N LEU B 89 15.74 -3.95 -1.04
CA LEU B 89 15.35 -5.03 -0.12
C LEU B 89 13.87 -4.83 0.21
N ILE B 90 13.02 -5.64 -0.42
CA ILE B 90 11.61 -5.70 -0.09
C ILE B 90 11.40 -6.79 0.94
N HIS B 91 10.69 -6.49 2.02
CA HIS B 91 10.44 -7.46 3.07
C HIS B 91 9.21 -8.28 2.69
N LEU B 92 9.38 -9.61 2.63
CA LEU B 92 8.29 -10.54 2.39
C LEU B 92 8.39 -11.72 3.35
N GLU B 93 7.22 -12.23 3.73
CA GLU B 93 7.11 -13.33 4.68
C GLU B 93 6.04 -14.25 4.11
N ILE B 94 6.48 -15.24 3.34
CA ILE B 94 5.55 -16.18 2.73
C ILE B 94 6.28 -17.50 2.49
N LYS B 95 5.48 -18.56 2.29
CA LYS B 95 5.97 -19.94 2.19
C LYS B 95 6.87 -20.12 0.96
N PRO B 96 7.68 -21.18 0.93
CA PRO B 96 8.73 -21.27 -0.13
C PRO B 96 8.23 -21.46 -1.56
N ALA B 97 7.07 -22.09 -1.79
CA ALA B 97 6.60 -22.27 -3.16
C ALA B 97 6.30 -20.94 -3.85
N ILE B 98 6.10 -19.87 -3.09
CA ILE B 98 5.83 -18.55 -3.66
C ILE B 98 7.13 -17.78 -3.91
N ARG B 99 8.07 -17.76 -2.95
CA ARG B 99 9.33 -17.05 -3.17
C ARG B 99 10.12 -17.58 -4.36
N ASN B 100 9.95 -18.86 -4.73
CA ASN B 100 10.58 -19.33 -5.97
C ASN B 100 9.79 -18.89 -7.20
N GLN B 101 8.45 -18.92 -7.12
CA GLN B 101 7.62 -18.33 -8.18
C GLN B 101 7.92 -16.86 -8.39
N ILE B 102 8.30 -16.15 -7.32
CA ILE B 102 8.75 -14.76 -7.41
C ILE B 102 10.03 -14.70 -8.23
N ILE B 103 11.12 -15.30 -7.73
CA ILE B 103 12.44 -15.13 -8.37
C ILE B 103 12.45 -15.55 -9.83
N ARG B 104 11.61 -16.53 -10.20
CA ARG B 104 11.50 -16.93 -11.60
C ARG B 104 11.00 -15.79 -12.48
N GLU B 105 10.07 -14.98 -11.96
CA GLU B 105 9.48 -13.88 -12.72
C GLU B 105 10.41 -12.68 -12.77
N LEU B 106 11.24 -12.47 -11.73
CA LEU B 106 12.26 -11.44 -11.83
C LEU B 106 13.47 -11.85 -12.63
N GLN B 107 13.47 -13.05 -13.20
CA GLN B 107 14.55 -13.42 -14.12
C GLN B 107 14.40 -12.72 -15.46
N VAL B 108 13.19 -12.21 -15.75
CA VAL B 108 12.89 -11.56 -17.02
C VAL B 108 13.78 -10.33 -17.22
N LEU B 109 14.15 -9.66 -16.13
CA LEU B 109 14.96 -8.45 -16.25
C LEU B 109 16.40 -8.74 -16.68
N HIS B 110 16.83 -10.00 -16.67
CA HIS B 110 18.09 -10.32 -17.34
C HIS B 110 17.97 -10.08 -18.84
N GLU B 111 16.84 -10.52 -19.42
CA GLU B 111 16.64 -10.47 -20.86
C GLU B 111 16.45 -9.03 -21.37
N CYS B 112 15.67 -8.21 -20.65
CA CYS B 112 15.46 -6.83 -21.07
C CYS B 112 16.72 -6.02 -20.83
N ASN B 113 17.13 -5.25 -21.83
CA ASN B 113 18.37 -4.48 -21.75
C ASN B 113 18.17 -3.30 -22.69
N SER B 114 18.48 -2.10 -22.22
CA SER B 114 18.25 -0.88 -22.99
C SER B 114 19.11 0.24 -22.43
N PRO B 115 19.38 1.28 -23.21
CA PRO B 115 20.05 2.47 -22.67
C PRO B 115 19.10 3.40 -21.94
N TYR B 116 17.80 3.07 -21.94
CA TYR B 116 16.78 3.82 -21.22
C TYR B 116 16.10 2.97 -20.13
N ILE B 117 16.81 1.96 -19.62
CA ILE B 117 16.35 1.05 -18.55
C ILE B 117 17.57 0.66 -17.71
N VAL B 118 17.46 0.76 -16.37
CA VAL B 118 18.61 0.55 -15.49
C VAL B 118 18.88 -0.95 -15.39
N GLY B 119 20.15 -1.31 -15.17
CA GLY B 119 20.62 -2.66 -15.44
C GLY B 119 20.39 -3.66 -14.31
N PHE B 120 19.85 -4.82 -14.67
CA PHE B 120 19.49 -5.86 -13.71
C PHE B 120 20.56 -6.95 -13.70
N TYR B 121 20.98 -7.35 -12.48
CA TYR B 121 22.07 -8.30 -12.29
C TYR B 121 21.61 -9.66 -11.79
N GLY B 122 20.88 -9.69 -10.68
CA GLY B 122 20.35 -10.92 -10.14
C GLY B 122 19.35 -10.63 -9.05
N ALA B 123 18.57 -11.66 -8.70
CA ALA B 123 17.54 -11.53 -7.68
C ALA B 123 17.56 -12.78 -6.80
N PHE B 124 17.85 -12.60 -5.51
CA PHE B 124 17.98 -13.71 -4.57
C PHE B 124 17.21 -13.41 -3.28
N TYR B 125 16.92 -14.45 -2.51
CA TYR B 125 16.18 -14.35 -1.26
C TYR B 125 17.15 -14.51 -0.09
N SER B 126 16.93 -13.74 0.98
CA SER B 126 17.78 -13.79 2.16
C SER B 126 16.99 -13.24 3.34
N ASP B 127 16.98 -13.98 4.46
CA ASP B 127 16.60 -13.47 5.80
C ASP B 127 15.20 -12.86 5.87
N GLY B 128 14.25 -13.46 5.13
CA GLY B 128 12.92 -12.90 5.05
C GLY B 128 12.80 -11.62 4.25
N GLU B 129 13.71 -11.39 3.29
CA GLU B 129 13.68 -10.24 2.38
C GLU B 129 14.26 -10.64 1.03
N ILE B 130 13.48 -10.50 -0.05
CA ILE B 130 14.03 -10.62 -1.41
C ILE B 130 14.81 -9.35 -1.74
N SER B 131 15.95 -9.54 -2.38
CA SER B 131 16.85 -8.45 -2.72
C SER B 131 17.07 -8.40 -4.22
N ILE B 132 16.89 -7.21 -4.79
CA ILE B 132 17.14 -6.95 -6.20
C ILE B 132 18.34 -6.02 -6.25
N CYS B 133 19.43 -6.52 -6.83
CA CYS B 133 20.61 -5.73 -7.07
C CYS B 133 20.61 -5.29 -8.54
N MET B 134 20.78 -3.99 -8.75
CA MET B 134 20.73 -3.35 -10.07
C MET B 134 21.94 -2.45 -10.24
N GLU B 135 22.04 -1.87 -11.42
CA GLU B 135 22.98 -0.78 -11.68
C GLU B 135 22.77 0.35 -10.67
N HIS B 136 23.85 0.80 -10.04
CA HIS B 136 23.80 2.00 -9.22
C HIS B 136 23.92 3.22 -10.10
N MET B 137 23.23 4.31 -9.73
CA MET B 137 23.23 5.53 -10.52
C MET B 137 23.51 6.72 -9.61
N ASP B 138 24.62 7.43 -9.87
CA ASP B 138 25.26 8.36 -8.94
C ASP B 138 24.59 9.72 -8.84
N GLY B 139 23.63 10.02 -9.70
CA GLY B 139 22.93 11.29 -9.60
C GLY B 139 21.63 11.18 -8.81
N GLY B 140 21.05 9.98 -8.81
CA GLY B 140 19.85 9.73 -8.07
C GLY B 140 18.59 9.81 -8.92
N SER B 141 17.48 9.88 -8.21
CA SER B 141 16.21 10.13 -8.84
C SER B 141 16.03 11.62 -9.12
N LEU B 142 15.16 11.90 -10.08
CA LEU B 142 14.87 13.26 -10.45
C LEU B 142 14.10 14.02 -9.37
N ASP B 143 13.46 13.32 -8.44
CA ASP B 143 12.73 14.05 -7.40
C ASP B 143 13.65 14.58 -6.32
N GLN B 144 14.85 14.00 -6.17
CA GLN B 144 15.83 14.55 -5.25
C GLN B 144 16.75 15.58 -5.91
N VAL B 145 16.96 15.50 -7.23
CA VAL B 145 17.67 16.58 -7.90
C VAL B 145 16.76 17.80 -8.01
N LEU B 146 15.46 17.58 -8.19
CA LEU B 146 14.52 18.69 -8.13
C LEU B 146 14.41 19.22 -6.70
N LYS B 147 14.63 18.34 -5.71
CA LYS B 147 14.56 18.78 -4.32
C LYS B 147 15.68 19.80 -4.04
N LYS B 148 16.85 19.60 -4.65
CA LYS B 148 18.01 20.46 -4.44
C LYS B 148 17.99 21.65 -5.41
N ALA B 149 17.76 21.40 -6.71
CA ALA B 149 17.50 22.49 -7.63
C ALA B 149 16.14 23.14 -7.33
N GLY B 150 15.84 24.21 -8.04
CA GLY B 150 14.59 24.91 -7.75
C GLY B 150 13.48 24.40 -8.64
N ARG B 151 13.76 24.42 -9.94
CA ARG B 151 12.92 23.84 -10.98
C ARG B 151 13.89 23.38 -12.05
N ILE B 152 13.41 22.53 -12.94
CA ILE B 152 14.27 21.97 -14.00
C ILE B 152 13.95 22.70 -15.29
N PRO B 153 14.95 23.30 -15.96
CA PRO B 153 14.68 24.08 -17.16
C PRO B 153 14.22 23.23 -18.34
N GLU B 154 13.44 23.89 -19.20
CA GLU B 154 12.64 23.18 -20.17
C GLU B 154 13.49 22.30 -21.08
N GLN B 155 14.71 22.74 -21.41
CA GLN B 155 15.54 22.02 -22.38
C GLN B 155 15.94 20.65 -21.86
N ILE B 156 16.24 20.56 -20.57
CA ILE B 156 16.60 19.29 -19.97
C ILE B 156 15.39 18.37 -19.93
N LEU B 157 14.22 18.94 -19.58
CA LEU B 157 13.01 18.13 -19.55
C LEU B 157 12.66 17.59 -20.93
N GLY B 158 13.13 18.24 -21.99
CA GLY B 158 12.89 17.71 -23.33
C GLY B 158 13.63 16.41 -23.58
N LYS B 159 14.89 16.33 -23.12
CA LYS B 159 15.65 15.09 -23.27
C LYS B 159 15.00 13.95 -22.50
N VAL B 160 14.70 14.18 -21.21
CA VAL B 160 14.22 13.10 -20.35
C VAL B 160 12.94 12.49 -20.92
N SER B 161 12.10 13.31 -21.54
CA SER B 161 10.85 12.82 -22.13
C SER B 161 11.14 11.81 -23.22
N ILE B 162 12.22 12.03 -23.98
CA ILE B 162 12.62 11.04 -24.98
C ILE B 162 13.09 9.77 -24.28
N ALA B 163 13.90 9.94 -23.23
CA ALA B 163 14.30 8.81 -22.42
C ALA B 163 13.07 8.02 -22.01
N VAL B 164 12.14 8.70 -21.35
CA VAL B 164 10.92 8.06 -20.87
C VAL B 164 10.11 7.55 -22.05
N ILE B 165 9.91 8.39 -23.07
CA ILE B 165 9.09 7.98 -24.23
C ILE B 165 9.65 6.71 -24.84
N LYS B 166 10.96 6.70 -25.10
CA LYS B 166 11.55 5.53 -25.75
C LYS B 166 11.70 4.38 -24.76
N GLY B 167 11.98 4.69 -23.48
CA GLY B 167 11.99 3.71 -22.41
C GLY B 167 10.75 2.82 -22.37
N LEU B 168 9.58 3.43 -22.15
CA LEU B 168 8.31 2.68 -22.09
C LEU B 168 7.98 2.00 -23.40
N THR B 169 8.23 2.68 -24.54
CA THR B 169 7.94 2.08 -25.85
C THR B 169 8.74 0.80 -26.03
N TYR B 170 9.90 0.70 -25.38
CA TYR B 170 10.67 -0.54 -25.46
C TYR B 170 9.92 -1.68 -24.82
N LEU B 171 9.42 -1.49 -23.60
CA LEU B 171 8.85 -2.60 -22.85
C LEU B 171 7.47 -2.98 -23.37
N ARG B 172 6.76 -2.06 -24.03
CA ARG B 172 5.48 -2.43 -24.63
C ARG B 172 5.67 -3.25 -25.90
N GLU B 173 6.72 -2.95 -26.65
CA GLU B 173 6.92 -3.57 -27.97
C GLU B 173 7.72 -4.88 -27.87
N LYS B 174 8.73 -4.95 -26.99
CA LYS B 174 9.61 -6.12 -26.88
C LYS B 174 9.36 -7.00 -25.65
N HIS B 175 8.48 -6.60 -24.72
CA HIS B 175 8.16 -7.45 -23.56
C HIS B 175 6.68 -7.51 -23.19
N LYS B 176 5.80 -6.73 -23.83
CA LYS B 176 4.36 -6.72 -23.52
C LYS B 176 4.08 -6.44 -22.03
N ILE B 177 4.92 -5.61 -21.40
CA ILE B 177 4.69 -5.17 -20.04
C ILE B 177 4.54 -3.65 -20.03
N MET B 178 3.67 -3.15 -19.15
CA MET B 178 3.57 -1.74 -18.88
C MET B 178 4.17 -1.45 -17.51
N HIS B 179 4.65 -0.22 -17.33
CA HIS B 179 5.49 0.12 -16.19
C HIS B 179 4.73 0.03 -14.86
N ARG B 180 3.54 0.63 -14.78
CA ARG B 180 2.58 0.59 -13.67
C ARG B 180 2.99 1.51 -12.52
N ASP B 181 4.19 2.07 -12.50
CA ASP B 181 4.57 2.99 -11.43
C ASP B 181 5.58 4.06 -11.92
N VAL B 182 5.17 4.90 -12.88
CA VAL B 182 6.04 5.99 -13.36
C VAL B 182 5.82 7.21 -12.49
N LYS B 183 6.90 7.78 -11.98
CA LYS B 183 6.85 8.96 -11.13
C LYS B 183 8.28 9.48 -11.02
N PRO B 184 8.52 10.69 -10.50
CA PRO B 184 9.90 11.19 -10.47
C PRO B 184 10.85 10.29 -9.68
N SER B 185 10.40 9.77 -8.54
CA SER B 185 11.25 8.95 -7.68
C SER B 185 11.87 7.76 -8.41
N ASN B 186 11.32 7.36 -9.55
CA ASN B 186 11.82 6.18 -10.24
C ASN B 186 12.39 6.50 -11.63
N ILE B 187 12.90 7.72 -11.82
CA ILE B 187 13.66 8.10 -13.02
C ILE B 187 15.06 8.52 -12.59
N LEU B 188 16.07 7.82 -13.12
CA LEU B 188 17.43 7.85 -12.60
C LEU B 188 18.41 8.48 -13.58
N VAL B 189 19.35 9.27 -13.04
CA VAL B 189 20.35 10.04 -13.78
C VAL B 189 21.75 9.75 -13.23
N ASN B 190 22.77 10.05 -14.05
CA ASN B 190 24.18 9.77 -13.74
C ASN B 190 25.09 10.80 -14.38
N SER B 191 26.33 10.88 -13.87
CA SER B 191 27.31 11.84 -14.37
C SER B 191 27.79 11.53 -15.79
N ARG B 192 27.45 10.37 -16.34
CA ARG B 192 27.76 10.01 -17.72
C ARG B 192 26.70 10.52 -18.71
N GLY B 193 25.49 10.80 -18.22
CA GLY B 193 24.48 11.46 -19.02
C GLY B 193 23.36 10.58 -19.54
N GLU B 194 23.23 9.34 -19.08
CA GLU B 194 22.08 8.52 -19.44
C GLU B 194 20.93 8.78 -18.47
N ILE B 195 19.71 8.65 -18.97
CA ILE B 195 18.52 8.66 -18.13
C ILE B 195 17.74 7.39 -18.43
N LYS B 196 17.39 6.66 -17.36
CA LYS B 196 16.62 5.44 -17.49
C LYS B 196 15.58 5.33 -16.39
N LEU B 197 14.57 4.50 -16.70
CA LEU B 197 13.45 4.11 -15.84
C LEU B 197 13.83 2.96 -14.93
N CYS B 198 13.00 2.74 -13.91
CA CYS B 198 13.20 1.62 -13.01
C CYS B 198 11.90 1.35 -12.25
N ASP B 199 11.90 0.24 -11.51
CA ASP B 199 10.88 -0.07 -10.52
C ASP B 199 9.53 -0.37 -11.20
N PHE B 200 9.56 -1.26 -12.19
CA PHE B 200 8.36 -1.51 -13.00
C PHE B 200 7.78 -2.91 -12.84
N GLY B 201 6.51 -3.04 -13.23
CA GLY B 201 5.66 -4.17 -12.93
C GLY B 201 5.86 -5.41 -13.78
N VAL B 202 6.87 -6.20 -13.45
CA VAL B 202 7.19 -7.41 -14.19
C VAL B 202 6.58 -8.66 -13.53
N SER B 203 6.59 -8.72 -12.20
CA SER B 203 6.24 -9.93 -11.46
C SER B 203 4.88 -9.73 -10.83
N GLY B 204 3.85 -10.36 -11.42
CA GLY B 204 2.49 -10.25 -10.90
C GLY B 204 2.28 -10.91 -9.55
N GLN B 205 3.15 -11.85 -9.18
CA GLN B 205 3.08 -12.50 -7.87
C GLN B 205 3.81 -11.70 -6.79
N LEU B 206 4.87 -10.96 -7.13
CA LEU B 206 5.45 -10.03 -6.17
C LEU B 206 4.50 -8.86 -5.89
N ILE B 207 3.77 -8.40 -6.91
CA ILE B 207 2.66 -7.47 -6.67
C ILE B 207 1.75 -8.02 -5.58
N ASP B 208 1.36 -9.29 -5.71
CA ASP B 208 0.40 -9.87 -4.76
C ASP B 208 1.04 -10.11 -3.39
N SER B 209 2.32 -10.50 -3.36
CA SER B 209 2.99 -10.87 -2.11
C SER B 209 3.41 -9.69 -1.25
N MET B 210 3.52 -8.49 -1.79
CA MET B 210 3.82 -7.34 -0.95
C MET B 210 2.62 -7.06 -0.04
N ALA B 211 2.86 -6.87 1.26
CA ALA B 211 1.76 -6.90 2.21
C ALA B 211 1.06 -5.56 2.36
N ASN B 212 1.78 -4.46 2.29
CA ASN B 212 1.21 -3.15 2.60
C ASN B 212 1.79 -2.05 1.73
N SER B 213 0.95 -1.09 1.33
CA SER B 213 1.33 0.00 0.45
C SER B 213 1.27 1.35 1.17
N PHE B 214 2.07 2.30 0.67
CA PHE B 214 2.18 3.63 1.25
C PHE B 214 1.40 4.59 0.37
N VAL B 215 0.59 5.43 0.98
CA VAL B 215 -0.10 6.47 0.22
C VAL B 215 0.16 7.80 0.90
N GLY B 216 0.40 8.83 0.09
CA GLY B 216 0.76 10.14 0.61
C GLY B 216 0.06 11.23 -0.15
N THR B 217 0.59 12.45 -0.05
CA THR B 217 -0.09 13.63 -0.59
C THR B 217 0.14 13.83 -2.09
N ARG B 218 1.16 13.20 -2.67
CA ARG B 218 1.42 13.24 -4.10
C ARG B 218 1.00 11.90 -4.69
N SER B 219 -0.07 11.88 -5.47
CA SER B 219 -0.47 10.72 -6.25
C SER B 219 -0.16 10.93 -7.72
N TYR B 220 0.33 9.89 -8.41
CA TYR B 220 0.59 9.97 -9.84
C TYR B 220 -0.29 9.03 -10.65
N MET B 221 -1.40 8.58 -10.07
CA MET B 221 -2.24 7.59 -10.69
C MET B 221 -3.26 8.19 -11.63
N SER B 222 -3.41 7.57 -12.79
CA SER B 222 -4.32 8.07 -13.81
C SER B 222 -5.77 7.98 -13.36
N PRO B 223 -6.60 8.94 -13.78
CA PRO B 223 -8.02 8.93 -13.40
C PRO B 223 -8.74 7.66 -13.79
N GLU B 224 -8.28 6.96 -14.82
CA GLU B 224 -8.99 5.72 -15.15
C GLU B 224 -8.60 4.58 -14.22
N ARG B 225 -7.34 4.55 -13.74
CA ARG B 225 -6.95 3.57 -12.73
C ARG B 225 -7.65 3.84 -11.41
N LEU B 226 -7.74 5.12 -11.03
CA LEU B 226 -8.43 5.42 -9.79
C LEU B 226 -9.87 4.91 -9.83
N GLN B 227 -10.50 4.89 -11.00
CA GLN B 227 -11.91 4.54 -11.07
C GLN B 227 -12.11 3.05 -11.34
N GLY B 228 -11.01 2.30 -11.51
CA GLY B 228 -11.10 0.86 -11.57
C GLY B 228 -11.37 0.28 -12.92
N THR B 229 -11.42 1.11 -13.97
CA THR B 229 -11.66 0.67 -15.33
C THR B 229 -10.35 0.17 -16.00
N HIS B 230 -10.54 -0.50 -17.15
CA HIS B 230 -9.44 -1.16 -17.86
C HIS B 230 -8.39 -0.10 -18.23
N TYR B 231 -7.11 -0.50 -18.23
CA TYR B 231 -6.03 0.47 -18.38
C TYR B 231 -4.87 -0.13 -19.16
N SER B 232 -4.11 0.73 -19.84
CA SER B 232 -3.01 0.32 -20.68
C SER B 232 -1.86 1.28 -20.41
N VAL B 233 -0.92 1.38 -21.35
CA VAL B 233 0.25 2.22 -21.16
C VAL B 233 -0.14 3.69 -21.11
N GLN B 234 -1.39 4.01 -21.48
CA GLN B 234 -1.89 5.37 -21.36
C GLN B 234 -1.76 5.89 -19.92
N SER B 235 -1.89 5.02 -18.91
CA SER B 235 -1.70 5.41 -17.52
C SER B 235 -0.30 5.91 -17.27
N ASP B 236 0.68 5.30 -17.92
CA ASP B 236 2.05 5.70 -17.69
C ASP B 236 2.35 7.00 -18.38
N ILE B 237 1.68 7.24 -19.50
CA ILE B 237 1.81 8.51 -20.21
C ILE B 237 1.32 9.65 -19.32
N TRP B 238 0.12 9.51 -18.74
CA TRP B 238 -0.38 10.49 -17.77
C TRP B 238 0.56 10.66 -16.60
N SER B 239 1.04 9.55 -16.06
CA SER B 239 1.97 9.63 -14.94
C SER B 239 3.22 10.39 -15.36
N MET B 240 3.58 10.32 -16.64
CA MET B 240 4.70 11.11 -17.13
C MET B 240 4.34 12.58 -17.26
N GLY B 241 3.15 12.86 -17.81
CA GLY B 241 2.71 14.24 -17.92
C GLY B 241 2.72 14.95 -16.58
N LEU B 242 2.06 14.35 -15.57
CA LEU B 242 2.00 15.00 -14.27
C LEU B 242 3.37 15.09 -13.61
N SER B 243 4.27 14.14 -13.90
CA SER B 243 5.64 14.26 -13.39
C SER B 243 6.37 15.43 -14.03
N LEU B 244 6.15 15.64 -15.33
CA LEU B 244 6.83 16.71 -16.07
C LEU B 244 6.38 18.11 -15.62
N VAL B 245 5.11 18.29 -15.29
CA VAL B 245 4.70 19.61 -14.83
C VAL B 245 5.14 19.84 -13.39
N GLU B 246 5.30 18.77 -12.60
CA GLU B 246 5.85 19.01 -11.26
C GLU B 246 7.31 19.44 -11.34
N MET B 247 8.08 18.80 -12.22
CA MET B 247 9.50 19.13 -12.40
C MET B 247 9.73 20.49 -13.06
N ALA B 248 8.83 20.93 -13.93
CA ALA B 248 8.97 22.23 -14.57
C ALA B 248 8.53 23.39 -13.69
N VAL B 249 7.69 23.15 -12.67
CA VAL B 249 7.17 24.20 -11.81
C VAL B 249 7.92 24.26 -10.48
N GLY B 250 8.39 23.11 -9.99
CA GLY B 250 9.01 23.02 -8.68
C GLY B 250 8.04 22.83 -7.54
N ARG B 251 6.86 22.26 -7.82
CA ARG B 251 5.80 22.04 -6.84
C ARG B 251 4.89 20.98 -7.43
N TYR B 252 4.52 19.97 -6.63
CA TYR B 252 3.45 19.06 -7.06
C TYR B 252 2.19 19.86 -7.36
N PRO B 253 1.54 19.65 -8.53
CA PRO B 253 0.56 20.65 -9.03
C PRO B 253 -0.90 20.44 -8.66
N ILE B 254 -1.20 19.60 -7.67
CA ILE B 254 -2.56 19.39 -7.20
C ILE B 254 -2.59 19.51 -5.67
N PRO B 255 -3.36 20.45 -5.10
CA PRO B 255 -4.24 21.35 -5.83
C PRO B 255 -3.45 22.49 -6.46
N PRO B 256 -3.92 23.02 -7.58
CA PRO B 256 -3.16 24.06 -8.29
C PRO B 256 -3.01 25.29 -7.42
N PRO B 257 -1.84 25.95 -7.48
CA PRO B 257 -1.63 27.12 -6.63
C PRO B 257 -2.38 28.32 -7.21
N ASP B 258 -2.73 29.23 -6.30
CA ASP B 258 -3.35 30.49 -6.65
C ASP B 258 -2.32 31.47 -7.20
N ALA B 259 -2.77 32.68 -7.58
CA ALA B 259 -1.89 33.64 -8.23
C ALA B 259 -0.79 34.14 -7.32
N LYS B 260 -0.97 34.04 -6.00
CA LYS B 260 0.02 34.59 -5.08
C LYS B 260 1.30 33.74 -5.07
N GLU B 261 1.15 32.40 -5.17
CA GLU B 261 2.31 31.50 -5.16
C GLU B 261 2.98 31.40 -6.53
N LEU B 262 2.24 31.62 -7.63
CA LEU B 262 2.87 31.58 -8.96
C LEU B 262 3.67 32.84 -9.25
N GLU B 263 3.27 33.97 -8.68
CA GLU B 263 3.99 35.23 -8.87
C GLU B 263 5.42 35.14 -8.32
N LEU B 264 5.57 34.65 -7.07
CA LEU B 264 6.89 34.52 -6.45
C LEU B 264 7.74 33.44 -7.12
N MET B 265 7.12 32.55 -7.90
CA MET B 265 7.86 31.51 -8.58
C MET B 265 8.44 32.09 -9.87
N PRO B 298 -2.59 20.93 4.12
CA PRO B 298 -3.65 20.47 5.04
C PRO B 298 -4.86 19.83 4.31
N MET B 299 -4.69 18.63 3.72
CA MET B 299 -5.71 18.00 2.86
C MET B 299 -5.71 16.48 3.00
N ALA B 300 -6.89 15.88 2.95
CA ALA B 300 -7.04 14.43 3.11
C ALA B 300 -6.94 13.72 1.76
N ILE B 301 -6.37 12.51 1.79
CA ILE B 301 -6.10 11.75 0.57
C ILE B 301 -7.30 11.72 -0.34
N PHE B 302 -8.49 11.53 0.19
CA PHE B 302 -9.61 11.32 -0.71
C PHE B 302 -9.95 12.60 -1.47
N GLU B 303 -9.77 13.77 -0.87
CA GLU B 303 -10.08 14.98 -1.63
C GLU B 303 -9.03 15.31 -2.67
N LEU B 304 -7.78 14.87 -2.48
CA LEU B 304 -6.79 14.94 -3.55
C LEU B 304 -7.14 13.99 -4.68
N LEU B 305 -7.52 12.74 -4.38
CA LEU B 305 -7.87 11.81 -5.45
C LEU B 305 -9.17 12.21 -6.16
N ASP B 306 -10.16 12.77 -5.43
CA ASP B 306 -11.39 13.21 -6.07
C ASP B 306 -11.18 14.47 -6.89
N TYR B 307 -10.23 15.32 -6.50
CA TYR B 307 -9.79 16.39 -7.37
C TYR B 307 -9.25 15.86 -8.69
N ILE B 308 -8.40 14.81 -8.65
CA ILE B 308 -7.75 14.27 -9.85
C ILE B 308 -8.75 13.70 -10.84
N VAL B 309 -9.87 13.16 -10.37
CA VAL B 309 -10.84 12.50 -11.25
C VAL B 309 -11.83 13.51 -11.81
N ASN B 310 -12.17 14.53 -11.03
CA ASN B 310 -13.30 15.37 -11.38
C ASN B 310 -12.93 16.80 -11.73
N GLU B 311 -11.80 17.26 -11.32
CA GLU B 311 -11.46 18.61 -11.71
C GLU B 311 -10.63 18.60 -13.01
N PRO B 312 -10.64 19.70 -13.76
CA PRO B 312 -9.84 19.75 -14.99
C PRO B 312 -8.37 19.58 -14.67
N PRO B 313 -7.62 18.91 -15.54
CA PRO B 313 -6.26 18.48 -15.21
C PRO B 313 -5.34 19.67 -15.07
N PRO B 314 -4.17 19.48 -14.47
CA PRO B 314 -3.26 20.61 -14.28
C PRO B 314 -2.65 20.98 -15.62
N LYS B 315 -2.01 22.15 -15.64
CA LYS B 315 -1.51 22.68 -16.91
C LYS B 315 -0.40 23.68 -16.65
N LEU B 316 0.57 23.72 -17.58
CA LEU B 316 1.73 24.58 -17.45
C LEU B 316 1.35 26.07 -17.54
N PRO B 317 2.14 26.95 -16.90
CA PRO B 317 1.84 28.38 -16.94
C PRO B 317 2.16 28.99 -18.30
N SER B 318 1.17 29.68 -18.87
CA SER B 318 1.22 30.11 -20.26
C SER B 318 2.50 30.85 -20.61
N ALA B 319 3.03 31.65 -19.68
CA ALA B 319 4.03 32.65 -20.03
C ALA B 319 5.39 32.01 -20.31
N VAL B 320 5.86 31.15 -19.40
CA VAL B 320 7.29 30.86 -19.27
C VAL B 320 7.75 29.62 -20.04
N PHE B 321 6.85 28.90 -20.70
CA PHE B 321 7.20 27.66 -21.37
C PHE B 321 6.71 27.71 -22.80
N SER B 322 7.47 27.10 -23.72
CA SER B 322 7.13 27.22 -25.13
C SER B 322 5.78 26.53 -25.43
N LEU B 323 5.14 26.96 -26.51
CA LEU B 323 3.83 26.40 -26.81
C LEU B 323 3.93 24.91 -27.15
N GLU B 324 5.07 24.45 -27.66
CA GLU B 324 5.23 23.02 -27.92
C GLU B 324 5.20 22.23 -26.61
N PHE B 325 5.88 22.74 -25.58
CA PHE B 325 5.94 22.04 -24.30
C PHE B 325 4.56 21.99 -23.64
N GLN B 326 3.94 23.17 -23.48
CA GLN B 326 2.60 23.28 -22.89
C GLN B 326 1.64 22.29 -23.52
N ASP B 327 1.65 22.21 -24.85
CA ASP B 327 0.78 21.24 -25.51
C ASP B 327 1.21 19.82 -25.16
N PHE B 328 2.53 19.57 -25.12
CA PHE B 328 3.01 18.21 -24.90
C PHE B 328 2.45 17.65 -23.61
N VAL B 329 2.47 18.42 -22.53
CA VAL B 329 1.89 17.91 -21.30
C VAL B 329 0.37 17.90 -21.38
N ASN B 330 -0.23 18.95 -21.95
CA ASN B 330 -1.69 18.94 -22.09
C ASN B 330 -2.20 17.68 -22.78
N LYS B 331 -1.45 17.18 -23.78
CA LYS B 331 -1.86 15.95 -24.48
C LYS B 331 -1.63 14.72 -23.63
N CYS B 332 -0.67 14.76 -22.69
CA CYS B 332 -0.51 13.66 -21.76
C CYS B 332 -1.58 13.64 -20.68
N LEU B 333 -2.01 14.81 -20.24
CA LEU B 333 -2.94 15.00 -19.15
C LEU B 333 -4.40 15.09 -19.60
N ILE B 334 -4.71 14.60 -20.80
CA ILE B 334 -6.11 14.43 -21.18
C ILE B 334 -6.72 13.34 -20.29
N LYS B 335 -7.99 13.50 -19.90
CA LYS B 335 -8.52 12.51 -18.98
C LYS B 335 -8.93 11.24 -19.71
N ASN B 336 -9.75 11.35 -20.74
CA ASN B 336 -10.16 10.17 -21.50
C ASN B 336 -8.97 9.44 -22.12
N PRO B 337 -8.58 8.28 -21.59
CA PRO B 337 -7.35 7.60 -22.09
C PRO B 337 -7.36 7.24 -23.58
N ALA B 338 -8.50 7.30 -24.28
CA ALA B 338 -8.47 7.08 -25.72
C ALA B 338 -8.00 8.33 -26.46
N GLU B 339 -8.44 9.51 -26.00
CA GLU B 339 -8.01 10.76 -26.59
C GLU B 339 -6.60 11.16 -26.17
N ARG B 340 -6.13 10.73 -25.02
CA ARG B 340 -4.75 10.98 -24.63
C ARG B 340 -3.81 10.50 -25.72
N ALA B 341 -2.68 11.18 -25.83
CA ALA B 341 -1.64 10.81 -26.78
C ALA B 341 -1.11 9.42 -26.47
N ASP B 342 -0.94 8.59 -27.49
CA ASP B 342 -0.36 7.30 -27.18
C ASP B 342 1.15 7.40 -27.37
N LEU B 343 1.80 6.25 -27.45
CA LEU B 343 3.23 6.22 -27.17
C LEU B 343 4.02 6.88 -28.26
N LYS B 344 3.63 6.66 -29.51
CA LYS B 344 4.38 7.19 -30.64
C LYS B 344 3.74 8.38 -31.32
N GLN B 345 2.48 8.70 -31.03
CA GLN B 345 2.00 10.07 -31.25
C GLN B 345 2.94 11.08 -30.60
N LEU B 346 3.46 10.70 -29.43
CA LEU B 346 4.35 11.57 -28.67
C LEU B 346 5.76 11.53 -29.25
N MET B 347 6.06 10.45 -29.97
CA MET B 347 7.34 10.31 -30.66
C MET B 347 7.50 11.37 -31.76
N VAL B 348 6.40 11.81 -32.36
CA VAL B 348 6.42 12.70 -33.52
C VAL B 348 5.91 14.09 -33.19
N HIS B 349 5.58 14.34 -31.92
CA HIS B 349 5.17 15.66 -31.49
C HIS B 349 6.29 16.68 -31.71
N ALA B 350 5.89 17.87 -32.14
CA ALA B 350 6.82 18.98 -32.32
C ALA B 350 7.79 19.14 -31.14
N PHE B 351 7.29 18.96 -29.90
CA PHE B 351 8.12 19.30 -28.74
C PHE B 351 9.31 18.36 -28.59
N ILE B 352 9.18 17.09 -28.99
CA ILE B 352 10.32 16.21 -28.87
C ILE B 352 11.12 16.12 -30.16
N LYS B 353 10.52 16.45 -31.33
CA LYS B 353 11.32 16.64 -32.54
C LYS B 353 12.30 17.80 -32.38
N ARG B 354 11.84 18.88 -31.73
CA ARG B 354 12.70 20.02 -31.42
C ARG B 354 13.79 19.68 -30.41
N SER B 355 13.48 18.94 -29.34
CA SER B 355 14.51 18.68 -28.33
C SER B 355 15.49 17.62 -28.78
N ASP B 356 15.01 16.65 -29.57
CA ASP B 356 15.90 15.63 -30.14
C ASP B 356 17.10 16.29 -30.79
N ALA B 357 16.83 17.13 -31.79
CA ALA B 357 17.87 17.88 -32.51
C ALA B 357 18.26 19.12 -31.70
N GLU B 358 18.68 18.88 -30.46
CA GLU B 358 19.27 19.90 -29.63
C GLU B 358 20.55 19.35 -29.02
N GLU B 359 21.48 20.23 -28.74
CA GLU B 359 22.70 19.84 -28.05
C GLU B 359 22.64 20.46 -26.66
N VAL B 360 22.30 19.63 -25.69
CA VAL B 360 22.38 19.97 -24.28
C VAL B 360 23.42 19.04 -23.67
N ASP B 361 24.26 19.60 -22.80
CA ASP B 361 25.25 18.79 -22.09
C ASP B 361 24.59 18.38 -20.77
N PHE B 362 23.88 17.25 -20.80
CA PHE B 362 23.10 16.88 -19.63
C PHE B 362 24.02 16.62 -18.44
N ALA B 363 25.06 15.82 -18.65
CA ALA B 363 26.04 15.59 -17.59
C ALA B 363 26.57 16.90 -17.04
N GLY B 364 26.67 17.92 -17.89
CA GLY B 364 27.21 19.21 -17.43
C GLY B 364 26.27 19.93 -16.49
N TRP B 365 24.99 20.03 -16.86
CA TRP B 365 24.02 20.64 -15.97
C TRP B 365 23.86 19.85 -14.68
N LEU B 366 23.97 18.51 -14.77
CA LEU B 366 23.87 17.62 -13.61
C LEU B 366 25.00 17.86 -12.61
N CYS B 367 26.25 17.59 -13.01
CA CYS B 367 27.38 17.75 -12.09
C CYS B 367 27.53 19.18 -11.57
N SER B 368 27.00 20.19 -12.30
CA SER B 368 27.18 21.58 -11.87
C SER B 368 26.24 21.97 -10.74
N THR B 369 24.97 21.57 -10.82
CA THR B 369 23.97 21.90 -9.81
C THR B 369 23.88 20.88 -8.65
N ILE B 370 24.29 19.62 -8.86
CA ILE B 370 24.30 18.62 -7.78
C ILE B 370 25.60 18.62 -6.97
N GLY B 371 26.75 18.87 -7.62
CA GLY B 371 28.05 18.91 -6.97
C GLY B 371 28.84 17.61 -6.99
N LEU B 372 29.05 17.02 -8.17
CA LEU B 372 29.83 15.79 -8.31
C LEU B 372 30.70 15.80 -9.58
#